data_2H4U
#
_entry.id   2H4U
#
_cell.length_a   57.050
_cell.length_b   90.970
_cell.length_c   114.400
_cell.angle_alpha   90.00
_cell.angle_beta   90.00
_cell.angle_gamma   90.00
#
_symmetry.space_group_name_H-M   'P 21 21 21'
#
loop_
_entity.id
_entity.type
_entity.pdbx_description
1 polymer 'Thioesterase superfamily member 2'
2 water water
#
_entity_poly.entity_id   1
_entity_poly.type   'polypeptide(L)'
_entity_poly.pdbx_seq_one_letter_code
;MHHHHHHSSGVDLGTENLYFQSMRNFERVLGKITLVSAAPGKVICEMKVEEEHTNAIGTLHGGLTATLVDNISTMALLCT
ERGAPGVSVDMNITYMSPAKLGEDIVITAHVLKQGKTLAFTSVDLTNKATGKLIAQGRHTKHLGN
;
_entity_poly.pdbx_strand_id   A,B,C,D
#
# COMPACT_ATOMS: atom_id res chain seq x y z
N ARG A 24 -12.09 10.78 -26.36
CA ARG A 24 -12.72 9.45 -26.71
C ARG A 24 -12.65 8.37 -25.62
N ASN A 25 -11.46 7.80 -25.42
CA ASN A 25 -11.20 6.81 -24.37
C ASN A 25 -10.97 7.50 -23.03
N PHE A 26 -10.58 6.75 -22.00
CA PHE A 26 -10.54 7.31 -20.63
C PHE A 26 -9.51 8.44 -20.40
N GLU A 27 -8.45 8.52 -21.20
CA GLU A 27 -7.48 9.61 -20.97
C GLU A 27 -7.99 11.00 -21.38
N ARG A 28 -9.14 11.06 -22.03
CA ARG A 28 -9.83 12.34 -22.22
C ARG A 28 -9.83 13.17 -20.94
N VAL A 29 -9.87 12.49 -19.78
CA VAL A 29 -9.95 13.19 -18.47
C VAL A 29 -8.69 13.97 -18.13
N LEU A 30 -7.62 13.67 -18.86
CA LEU A 30 -6.33 14.30 -18.69
C LEU A 30 -6.09 15.46 -19.68
N GLY A 31 -7.13 15.80 -20.46
CA GLY A 31 -7.04 16.83 -21.48
C GLY A 31 -6.41 18.14 -21.05
N LYS A 32 -6.59 18.52 -19.79
CA LYS A 32 -6.12 19.80 -19.29
C LYS A 32 -4.76 19.80 -18.57
N ILE A 33 -4.09 18.63 -18.46
CA ILE A 33 -2.78 18.59 -17.79
C ILE A 33 -1.68 19.12 -18.70
N THR A 34 -0.89 20.06 -18.19
CA THR A 34 0.21 20.53 -19.01
C THR A 34 1.50 19.81 -18.63
N LEU A 35 2.18 19.28 -19.64
CA LEU A 35 3.50 18.69 -19.47
C LEU A 35 4.57 19.80 -19.35
N VAL A 36 5.26 19.86 -18.21
CA VAL A 36 6.26 20.91 -17.95
C VAL A 36 7.68 20.47 -18.41
N SER A 37 8.05 19.25 -18.06
CA SER A 37 9.33 18.67 -18.54
C SER A 37 9.40 17.16 -18.35
N ALA A 38 10.02 16.48 -19.31
CA ALA A 38 10.39 15.10 -19.17
C ALA A 38 11.92 14.99 -19.23
N ALA A 39 12.51 14.29 -18.27
CA ALA A 39 13.97 14.17 -18.19
C ALA A 39 14.23 12.75 -17.69
N PRO A 40 15.47 12.23 -17.85
CA PRO A 40 15.76 10.87 -17.35
C PRO A 40 15.36 10.75 -15.87
N GLY A 41 14.48 9.80 -15.58
CA GLY A 41 14.05 9.57 -14.19
C GLY A 41 13.05 10.55 -13.56
N LYS A 42 12.63 11.58 -14.29
CA LYS A 42 11.71 12.56 -13.72
C LYS A 42 10.84 13.29 -14.74
N VAL A 43 9.55 13.34 -14.43
CA VAL A 43 8.56 14.03 -15.24
C VAL A 43 7.79 14.99 -14.33
N ILE A 44 7.57 16.22 -14.79
CA ILE A 44 6.74 17.18 -14.08
C ILE A 44 5.54 17.59 -14.95
N CYS A 45 4.30 17.35 -14.48
CA CYS A 45 3.14 18.00 -15.08
C CYS A 45 2.53 19.05 -14.12
N GLU A 46 1.63 19.87 -14.64
CA GLU A 46 0.88 20.78 -13.79
C GLU A 46 -0.58 20.73 -14.24
N MET A 47 -1.47 21.25 -13.40
CA MET A 47 -2.88 21.38 -13.77
C MET A 47 -3.59 22.39 -12.87
N LYS A 48 -4.69 22.91 -13.39
CA LYS A 48 -5.59 23.75 -12.63
C LYS A 48 -6.80 22.88 -12.39
N VAL A 49 -7.18 22.68 -11.14
CA VAL A 49 -8.36 21.85 -10.92
C VAL A 49 -9.63 22.65 -11.26
N GLU A 50 -10.32 22.18 -12.30
CA GLU A 50 -11.60 22.74 -12.74
C GLU A 50 -12.70 21.85 -12.18
N GLU A 51 -13.95 22.32 -12.28
CA GLU A 51 -15.10 21.55 -11.81
C GLU A 51 -15.04 20.10 -12.30
N GLU A 52 -14.70 19.92 -13.57
CA GLU A 52 -14.62 18.61 -14.22
C GLU A 52 -13.66 17.64 -13.55
N HIS A 53 -12.76 18.17 -12.72
CA HIS A 53 -11.74 17.38 -12.03
C HIS A 53 -12.11 17.05 -10.58
N THR A 54 -13.22 17.61 -10.10
CA THR A 54 -13.54 17.55 -8.67
C THR A 54 -14.52 16.45 -8.26
N ASN A 55 -14.65 16.27 -6.95
CA ASN A 55 -15.70 15.42 -6.40
C ASN A 55 -16.94 16.24 -6.01
N ALA A 56 -17.85 15.63 -5.24
CA ALA A 56 -19.07 16.29 -4.78
C ALA A 56 -18.79 17.44 -3.78
N ILE A 57 -17.62 17.41 -3.17
CA ILE A 57 -17.23 18.38 -2.14
C ILE A 57 -16.33 19.50 -2.74
N GLY A 58 -16.14 19.47 -4.06
CA GLY A 58 -15.35 20.50 -4.75
C GLY A 58 -13.85 20.47 -4.46
N THR A 59 -13.29 19.26 -4.38
CA THR A 59 -11.85 19.07 -4.30
C THR A 59 -11.43 17.98 -5.31
N LEU A 60 -10.15 17.94 -5.63
CA LEU A 60 -9.62 17.00 -6.60
C LEU A 60 -10.07 15.57 -6.26
N HIS A 61 -10.83 14.96 -7.16
CA HIS A 61 -11.34 13.62 -6.97
C HIS A 61 -10.21 12.63 -6.81
N GLY A 62 -10.30 11.77 -5.80
CA GLY A 62 -9.29 10.76 -5.54
C GLY A 62 -9.03 9.81 -6.71
N GLY A 63 -10.04 9.56 -7.53
CA GLY A 63 -9.86 8.71 -8.68
C GLY A 63 -9.10 9.42 -9.78
N LEU A 64 -9.20 10.75 -9.82
CA LEU A 64 -8.43 11.51 -10.82
C LEU A 64 -6.98 11.53 -10.41
N THR A 65 -6.72 11.75 -9.12
CA THR A 65 -5.37 11.60 -8.60
C THR A 65 -4.75 10.26 -8.97
N ALA A 66 -5.46 9.18 -8.68
CA ALA A 66 -4.97 7.84 -9.07
C ALA A 66 -4.65 7.76 -10.55
N THR A 67 -5.50 8.37 -11.36
CA THR A 67 -5.31 8.38 -12.84
C THR A 67 -4.03 9.16 -13.19
N LEU A 68 -3.83 10.28 -12.51
CA LEU A 68 -2.66 11.11 -12.66
C LEU A 68 -1.41 10.30 -12.36
N VAL A 69 -1.28 9.80 -11.13
CA VAL A 69 -0.21 8.86 -10.75
C VAL A 69 0.05 7.79 -11.83
N ASP A 70 -1.01 7.14 -12.29
CA ASP A 70 -0.87 6.06 -13.26
C ASP A 70 -0.22 6.64 -14.50
N ASN A 71 -0.69 7.82 -14.91
CA ASN A 71 -0.23 8.43 -16.14
C ASN A 71 1.12 9.04 -16.11
N ILE A 72 1.39 9.87 -15.09
CA ILE A 72 2.67 10.56 -15.01
C ILE A 72 3.81 9.56 -14.80
N SER A 73 3.55 8.48 -14.09
CA SER A 73 4.59 7.51 -13.77
C SER A 73 4.92 6.66 -15.00
N THR A 74 3.90 6.31 -15.76
CA THR A 74 4.11 5.66 -17.05
C THR A 74 4.92 6.59 -17.99
N MET A 75 4.63 7.90 -17.97
CA MET A 75 5.41 8.87 -18.74
C MET A 75 6.88 8.87 -18.31
N ALA A 76 7.13 8.76 -17.01
CA ALA A 76 8.49 8.76 -16.46
C ALA A 76 9.27 7.55 -16.95
N LEU A 77 8.57 6.43 -17.11
CA LEU A 77 9.14 5.16 -17.55
C LEU A 77 9.59 5.23 -19.00
N LEU A 78 8.80 5.92 -19.82
CA LEU A 78 9.12 6.17 -21.22
C LEU A 78 10.42 6.98 -21.42
N CYS A 79 10.71 7.90 -20.52
CA CYS A 79 11.94 8.72 -20.55
C CYS A 79 13.28 8.00 -20.66
N THR A 80 13.28 6.66 -20.63
CA THR A 80 14.51 5.84 -20.79
C THR A 80 14.58 5.12 -22.15
N GLU A 81 15.77 4.59 -22.46
CA GLU A 81 16.02 3.94 -23.76
C GLU A 81 14.99 2.85 -24.00
N ARG A 82 14.87 1.96 -23.02
CA ARG A 82 13.69 1.14 -22.90
C ARG A 82 12.57 2.10 -22.50
N GLY A 83 11.92 2.66 -23.51
CA GLY A 83 10.73 3.47 -23.33
C GLY A 83 9.54 2.54 -23.36
N ALA A 84 9.59 1.50 -22.53
CA ALA A 84 8.49 0.55 -22.37
C ALA A 84 7.56 0.95 -21.21
N PRO A 85 6.26 1.12 -21.52
CA PRO A 85 5.25 1.59 -20.55
C PRO A 85 4.93 0.59 -19.42
N GLY A 86 4.95 -0.70 -19.72
CA GLY A 86 4.59 -1.76 -18.77
C GLY A 86 3.13 -1.75 -18.37
N VAL A 87 2.69 -2.86 -17.76
CA VAL A 87 1.34 -2.95 -17.18
C VAL A 87 1.37 -2.69 -15.68
N SER A 88 0.41 -1.93 -15.17
CA SER A 88 0.29 -1.71 -13.73
C SER A 88 0.09 -2.99 -12.93
N VAL A 89 0.82 -3.11 -11.82
CA VAL A 89 0.70 -4.25 -10.92
C VAL A 89 0.08 -3.80 -9.59
N ASP A 90 0.72 -2.84 -8.91
CA ASP A 90 0.28 -2.35 -7.60
C ASP A 90 0.46 -0.86 -7.56
N MET A 91 -0.55 -0.15 -7.12
CA MET A 91 -0.46 1.27 -6.86
C MET A 91 -1.03 1.50 -5.49
N ASN A 92 -0.45 2.43 -4.75
CA ASN A 92 -0.98 2.92 -3.47
C ASN A 92 -0.93 4.43 -3.48
N ILE A 93 -1.91 5.11 -2.88
CA ILE A 93 -1.86 6.59 -2.82
C ILE A 93 -2.26 6.99 -1.42
N THR A 94 -1.53 7.93 -0.85
CA THR A 94 -1.81 8.50 0.45
C THR A 94 -2.20 9.94 0.20
N TYR A 95 -3.38 10.30 0.70
CA TYR A 95 -3.94 11.61 0.48
C TYR A 95 -3.73 12.42 1.76
N MET A 96 -2.94 13.48 1.67
CA MET A 96 -2.55 14.23 2.85
C MET A 96 -3.27 15.57 3.05
N SER A 97 -3.64 16.20 1.94
CA SER A 97 -4.45 17.43 2.04
C SER A 97 -5.23 17.68 0.76
N PRO A 98 -6.44 18.29 0.86
CA PRO A 98 -7.26 18.46 -0.35
C PRO A 98 -6.67 19.49 -1.33
N ALA A 99 -6.82 19.22 -2.62
CA ALA A 99 -6.57 20.22 -3.65
C ALA A 99 -7.94 20.73 -4.07
N LYS A 100 -8.21 21.99 -3.73
CA LYS A 100 -9.51 22.60 -3.96
C LYS A 100 -9.65 23.09 -5.41
N LEU A 101 -10.90 23.34 -5.79
CA LEU A 101 -11.27 23.93 -7.07
C LEU A 101 -10.54 25.25 -7.29
N GLY A 102 -10.01 25.44 -8.49
CA GLY A 102 -9.24 26.63 -8.82
C GLY A 102 -7.79 26.60 -8.39
N GLU A 103 -7.40 25.61 -7.60
CA GLU A 103 -6.00 25.48 -7.22
C GLU A 103 -5.14 25.00 -8.39
N ASP A 104 -3.91 25.51 -8.41
CA ASP A 104 -2.91 25.11 -9.37
C ASP A 104 -2.02 24.06 -8.74
N ILE A 105 -1.91 22.90 -9.39
CA ILE A 105 -1.14 21.80 -8.80
C ILE A 105 -0.03 21.28 -9.68
N VAL A 106 1.02 20.78 -9.02
CA VAL A 106 2.17 20.14 -9.67
C VAL A 106 2.14 18.65 -9.42
N ILE A 107 2.43 17.88 -10.46
CA ILE A 107 2.49 16.43 -10.36
C ILE A 107 3.90 15.98 -10.84
N THR A 108 4.65 15.29 -9.97
CA THR A 108 6.05 14.97 -10.22
C THR A 108 6.26 13.47 -10.02
N ALA A 109 6.41 12.75 -11.13
CA ALA A 109 6.86 11.37 -11.08
C ALA A 109 8.38 11.32 -11.04
N HIS A 110 8.90 10.47 -10.14
CA HIS A 110 10.32 10.02 -10.15
C HIS A 110 10.37 8.50 -10.38
N VAL A 111 11.35 8.05 -11.15
CA VAL A 111 11.62 6.64 -11.31
C VAL A 111 12.53 6.18 -10.18
N LEU A 112 12.06 5.22 -9.39
CA LEU A 112 12.80 4.70 -8.23
C LEU A 112 13.77 3.58 -8.64
N LYS A 113 13.32 2.72 -9.56
CA LYS A 113 14.13 1.63 -10.11
C LYS A 113 13.53 1.11 -11.41
N GLN A 114 14.37 0.88 -12.42
CA GLN A 114 13.91 0.26 -13.66
C GLN A 114 14.73 -0.99 -13.85
N GLY A 115 14.16 -2.14 -13.54
CA GLY A 115 14.79 -3.41 -13.83
C GLY A 115 14.31 -4.02 -15.14
N LYS A 116 14.66 -5.29 -15.34
CA LYS A 116 14.32 -6.03 -16.57
C LYS A 116 12.82 -6.33 -16.64
N THR A 117 12.25 -6.63 -15.48
CA THR A 117 10.91 -7.17 -15.42
C THR A 117 9.98 -6.26 -14.60
N LEU A 118 10.53 -5.47 -13.68
CA LEU A 118 9.71 -4.61 -12.83
C LEU A 118 10.25 -3.20 -12.76
N ALA A 119 9.36 -2.21 -12.81
CA ALA A 119 9.76 -0.83 -12.65
C ALA A 119 8.92 -0.20 -11.52
N PHE A 120 9.51 0.74 -10.80
CA PHE A 120 8.88 1.28 -9.60
C PHE A 120 8.99 2.79 -9.70
N THR A 121 7.90 3.48 -9.44
CA THR A 121 7.89 4.94 -9.55
C THR A 121 7.17 5.52 -8.36
N SER A 122 7.55 6.73 -8.00
CA SER A 122 6.86 7.53 -7.01
C SER A 122 6.29 8.78 -7.68
N VAL A 123 5.15 9.25 -7.19
CA VAL A 123 4.51 10.45 -7.71
C VAL A 123 4.07 11.34 -6.53
N ASP A 124 4.60 12.56 -6.48
CA ASP A 124 4.12 13.62 -5.58
C ASP A 124 3.21 14.62 -6.30
N LEU A 125 2.05 14.84 -5.69
CA LEU A 125 1.17 15.93 -6.08
C LEU A 125 1.38 17.01 -5.04
N THR A 126 1.68 18.23 -5.49
CA THR A 126 1.93 19.36 -4.59
C THR A 126 1.15 20.60 -5.02
N ASN A 127 0.90 21.48 -4.06
CA ASN A 127 0.38 22.80 -4.35
C ASN A 127 1.45 23.68 -5.04
N LYS A 128 1.14 24.18 -6.24
CA LYS A 128 2.09 24.99 -6.99
C LYS A 128 2.54 26.20 -6.19
N ALA A 129 1.59 26.90 -5.59
CA ALA A 129 1.92 28.09 -4.80
C ALA A 129 2.81 27.79 -3.59
N THR A 130 2.39 26.83 -2.77
CA THR A 130 3.03 26.58 -1.46
C THR A 130 4.04 25.44 -1.41
N GLY A 131 4.01 24.56 -2.42
CA GLY A 131 4.88 23.40 -2.39
C GLY A 131 4.34 22.27 -1.52
N LYS A 132 3.37 22.59 -0.67
CA LYS A 132 2.74 21.65 0.26
C LYS A 132 2.17 20.43 -0.47
N LEU A 133 2.33 19.29 0.19
CA LEU A 133 2.00 17.99 -0.34
C LEU A 133 0.52 17.71 -0.26
N ILE A 134 -0.03 17.34 -1.41
CA ILE A 134 -1.43 16.98 -1.55
C ILE A 134 -1.65 15.45 -1.42
N ALA A 135 -0.76 14.69 -2.05
CA ALA A 135 -0.88 13.24 -2.10
C ALA A 135 0.47 12.72 -2.56
N GLN A 136 0.76 11.45 -2.26
CA GLN A 136 1.98 10.79 -2.68
C GLN A 136 1.60 9.36 -3.05
N GLY A 137 2.01 8.95 -4.24
CA GLY A 137 1.67 7.62 -4.71
C GLY A 137 2.93 6.85 -5.02
N ARG A 138 2.84 5.53 -4.97
CA ARG A 138 3.90 4.67 -5.50
C ARG A 138 3.20 3.72 -6.43
N HIS A 139 3.92 3.28 -7.45
CA HIS A 139 3.31 2.57 -8.55
C HIS A 139 4.33 1.61 -9.08
N THR A 140 3.97 0.33 -9.10
CA THR A 140 4.81 -0.72 -9.66
C THR A 140 4.22 -1.21 -10.98
N LYS A 141 5.08 -1.42 -11.96
CA LYS A 141 4.64 -1.88 -13.26
C LYS A 141 5.46 -3.08 -13.71
N HIS A 142 4.81 -3.94 -14.47
CA HIS A 142 5.45 -5.14 -14.96
C HIS A 142 5.80 -4.91 -16.43
N LEU A 143 7.10 -4.82 -16.70
CA LEU A 143 7.61 -4.56 -18.06
C LEU A 143 7.63 -5.86 -18.84
N GLY A 144 7.16 -5.80 -20.08
CA GLY A 144 7.09 -7.00 -20.93
C GLY A 144 6.09 -8.00 -20.35
N ARG B 24 -21.25 16.83 -14.58
CA ARG B 24 -20.46 18.10 -14.52
C ARG B 24 -19.06 17.83 -13.96
N ASN B 25 -18.98 17.19 -12.79
CA ASN B 25 -17.68 16.93 -12.15
C ASN B 25 -17.11 15.59 -12.55
N PHE B 26 -16.13 15.08 -11.79
CA PHE B 26 -15.40 13.87 -12.21
C PHE B 26 -16.26 12.59 -12.24
N GLU B 27 -17.29 12.55 -11.41
CA GLU B 27 -18.14 11.37 -11.35
C GLU B 27 -18.94 11.05 -12.62
N ARG B 28 -18.96 12.01 -13.54
CA ARG B 28 -19.57 11.83 -14.85
C ARG B 28 -19.05 10.56 -15.51
N VAL B 29 -17.85 10.15 -15.11
CA VAL B 29 -17.18 8.98 -15.73
C VAL B 29 -17.81 7.67 -15.27
N LEU B 30 -18.58 7.74 -14.17
CA LEU B 30 -19.32 6.58 -13.63
C LEU B 30 -20.78 6.57 -14.07
N GLY B 31 -21.10 7.40 -15.06
CA GLY B 31 -22.44 7.49 -15.60
C GLY B 31 -22.98 6.14 -16.03
N LYS B 32 -22.10 5.25 -16.48
CA LYS B 32 -22.55 3.94 -16.97
C LYS B 32 -22.55 2.77 -15.98
N ILE B 33 -22.17 3.01 -14.71
CA ILE B 33 -22.24 1.95 -13.70
C ILE B 33 -23.68 1.68 -13.31
N THR B 34 -24.03 0.41 -13.19
CA THR B 34 -25.34 0.10 -12.63
C THR B 34 -25.21 -0.37 -11.17
N LEU B 35 -26.11 0.09 -10.31
CA LEU B 35 -26.20 -0.40 -8.93
C LEU B 35 -27.03 -1.66 -8.93
N VAL B 36 -26.43 -2.76 -8.45
CA VAL B 36 -27.09 -4.05 -8.42
C VAL B 36 -27.78 -4.32 -7.08
N SER B 37 -27.10 -3.98 -5.97
CA SER B 37 -27.66 -4.11 -4.63
C SER B 37 -26.85 -3.35 -3.61
N ALA B 38 -27.56 -2.83 -2.62
CA ALA B 38 -26.95 -2.12 -1.49
C ALA B 38 -27.55 -2.72 -0.21
N ALA B 39 -26.71 -3.47 0.50
CA ALA B 39 -27.09 -4.19 1.73
C ALA B 39 -26.09 -3.84 2.83
N PRO B 40 -26.42 -4.11 4.11
CA PRO B 40 -25.50 -3.70 5.18
C PRO B 40 -24.12 -4.31 4.94
N GLY B 41 -23.08 -3.48 4.92
CA GLY B 41 -21.71 -3.96 4.76
C GLY B 41 -21.29 -4.32 3.34
N LYS B 42 -22.21 -4.23 2.39
CA LYS B 42 -21.91 -4.70 1.04
C LYS B 42 -22.72 -4.00 -0.04
N VAL B 43 -22.01 -3.31 -0.92
CA VAL B 43 -22.58 -2.78 -2.17
C VAL B 43 -22.09 -3.61 -3.40
N ILE B 44 -22.98 -3.91 -4.35
CA ILE B 44 -22.57 -4.56 -5.61
C ILE B 44 -22.99 -3.67 -6.78
N CYS B 45 -22.03 -3.34 -7.65
CA CYS B 45 -22.28 -2.60 -8.87
C CYS B 45 -21.78 -3.38 -10.07
N GLU B 46 -22.22 -2.99 -11.26
CA GLU B 46 -21.75 -3.61 -12.50
C GLU B 46 -21.54 -2.56 -13.57
N MET B 47 -20.77 -2.92 -14.60
CA MET B 47 -20.67 -2.15 -15.84
C MET B 47 -20.13 -3.01 -16.98
N LYS B 48 -20.49 -2.60 -18.19
CA LYS B 48 -19.88 -3.10 -19.39
C LYS B 48 -18.80 -2.09 -19.71
N VAL B 49 -17.61 -2.57 -20.01
CA VAL B 49 -16.53 -1.66 -20.29
C VAL B 49 -16.57 -1.24 -21.75
N GLU B 50 -16.74 0.07 -21.93
CA GLU B 50 -16.84 0.71 -23.23
C GLU B 50 -15.54 1.45 -23.54
N GLU B 51 -15.34 1.79 -24.80
CA GLU B 51 -14.16 2.56 -25.21
C GLU B 51 -13.94 3.75 -24.28
N GLU B 52 -15.04 4.38 -23.88
CA GLU B 52 -15.10 5.42 -22.86
C GLU B 52 -14.24 5.13 -21.61
N HIS B 53 -14.13 3.85 -21.28
CA HIS B 53 -13.54 3.36 -20.03
C HIS B 53 -12.12 2.81 -20.22
N THR B 54 -11.72 2.61 -21.48
CA THR B 54 -10.45 1.97 -21.80
C THR B 54 -9.26 2.91 -21.85
N ASN B 55 -8.08 2.29 -21.80
CA ASN B 55 -6.81 2.93 -22.06
C ASN B 55 -6.47 2.72 -23.54
N ALA B 56 -5.21 2.92 -23.92
CA ALA B 56 -4.82 2.86 -25.32
C ALA B 56 -4.71 1.41 -25.83
N ILE B 57 -4.61 0.47 -24.89
CA ILE B 57 -4.49 -0.98 -25.16
C ILE B 57 -5.87 -1.61 -25.26
N GLY B 58 -6.90 -0.79 -25.09
CA GLY B 58 -8.29 -1.26 -25.17
C GLY B 58 -8.71 -2.15 -24.01
N THR B 59 -8.18 -1.87 -22.81
CA THR B 59 -8.60 -2.56 -21.59
C THR B 59 -9.00 -1.50 -20.59
N LEU B 60 -9.80 -1.89 -19.59
CA LEU B 60 -10.25 -1.00 -18.54
C LEU B 60 -9.12 -0.16 -18.03
N HIS B 61 -9.29 1.16 -18.04
CA HIS B 61 -8.26 2.05 -17.53
C HIS B 61 -8.02 1.93 -16.02
N GLY B 62 -6.79 1.61 -15.63
CA GLY B 62 -6.38 1.53 -14.22
C GLY B 62 -6.79 2.73 -13.36
N GLY B 63 -6.85 3.91 -13.96
CA GLY B 63 -7.40 5.11 -13.32
C GLY B 63 -8.91 5.04 -13.10
N LEU B 64 -9.63 4.44 -14.04
CA LEU B 64 -11.06 4.27 -13.81
C LEU B 64 -11.28 3.23 -12.71
N THR B 65 -10.58 2.08 -12.82
CA THR B 65 -10.58 1.06 -11.78
C THR B 65 -10.44 1.69 -10.40
N ALA B 66 -9.47 2.58 -10.24
CA ALA B 66 -9.29 3.31 -8.98
C ALA B 66 -10.46 4.22 -8.63
N THR B 67 -11.07 4.81 -9.65
CA THR B 67 -12.30 5.60 -9.44
C THR B 67 -13.42 4.73 -8.92
N LEU B 68 -13.56 3.56 -9.51
CA LEU B 68 -14.56 2.62 -9.07
C LEU B 68 -14.34 2.17 -7.61
N VAL B 69 -13.09 2.01 -7.18
CA VAL B 69 -12.80 1.60 -5.80
C VAL B 69 -13.19 2.72 -4.85
N ASP B 70 -12.76 3.94 -5.17
CA ASP B 70 -13.03 5.13 -4.37
C ASP B 70 -14.53 5.31 -4.26
N ASN B 71 -15.25 5.14 -5.37
CA ASN B 71 -16.66 5.47 -5.37
C ASN B 71 -17.57 4.43 -4.75
N ILE B 72 -17.46 3.18 -5.20
CA ILE B 72 -18.26 2.10 -4.62
C ILE B 72 -17.96 1.90 -3.13
N SER B 73 -16.71 2.07 -2.73
CA SER B 73 -16.37 1.88 -1.32
C SER B 73 -17.12 2.92 -0.49
N THR B 74 -17.12 4.16 -0.96
CA THR B 74 -17.90 5.25 -0.34
C THR B 74 -19.38 4.95 -0.26
N MET B 75 -19.95 4.37 -1.32
CA MET B 75 -21.36 3.92 -1.33
C MET B 75 -21.66 2.97 -0.18
N ALA B 76 -20.78 1.99 0.03
CA ALA B 76 -20.95 0.97 1.06
C ALA B 76 -20.94 1.58 2.44
N LEU B 77 -20.10 2.59 2.61
CA LEU B 77 -20.06 3.39 3.84
C LEU B 77 -21.41 4.09 3.98
N LEU B 78 -21.72 4.97 3.01
CA LEU B 78 -22.97 5.77 2.96
C LEU B 78 -24.24 5.00 3.31
N CYS B 79 -24.19 3.68 3.17
CA CYS B 79 -25.30 2.81 3.54
C CYS B 79 -25.05 2.11 4.88
N THR B 80 -24.74 2.93 5.89
CA THR B 80 -24.74 2.51 7.29
C THR B 80 -25.41 3.60 8.10
N GLU B 81 -25.83 3.26 9.32
CA GLU B 81 -26.57 4.20 10.18
C GLU B 81 -25.92 5.58 10.18
N ARG B 82 -24.60 5.60 10.34
CA ARG B 82 -23.83 6.79 10.06
C ARG B 82 -23.59 6.78 8.56
N GLY B 83 -24.43 7.52 7.83
CA GLY B 83 -24.32 7.60 6.38
C GLY B 83 -23.30 8.67 6.03
N ALA B 84 -22.06 8.44 6.45
CA ALA B 84 -20.98 9.41 6.35
C ALA B 84 -19.97 8.93 5.32
N PRO B 85 -19.62 9.82 4.36
CA PRO B 85 -18.75 9.38 3.27
C PRO B 85 -17.28 9.27 3.67
N GLY B 86 -16.85 10.13 4.60
CA GLY B 86 -15.43 10.23 5.00
C GLY B 86 -14.55 10.76 3.88
N VAL B 87 -13.30 11.08 4.19
CA VAL B 87 -12.32 11.48 3.17
C VAL B 87 -11.20 10.47 3.03
N SER B 88 -10.88 10.11 1.79
CA SER B 88 -9.82 9.16 1.51
C SER B 88 -8.56 9.49 2.30
N VAL B 89 -7.99 8.45 2.92
CA VAL B 89 -6.70 8.61 3.60
C VAL B 89 -5.62 7.79 2.89
N ASP B 90 -5.89 6.51 2.67
CA ASP B 90 -4.95 5.61 1.99
C ASP B 90 -5.77 4.69 1.12
N MET B 91 -5.32 4.46 -0.10
CA MET B 91 -5.98 3.52 -1.02
C MET B 91 -4.88 2.74 -1.69
N ASN B 92 -5.07 1.45 -1.86
CA ASN B 92 -4.16 0.66 -2.68
C ASN B 92 -4.99 -0.17 -3.62
N ILE B 93 -4.43 -0.52 -4.77
CA ILE B 93 -5.06 -1.41 -5.75
C ILE B 93 -3.99 -2.30 -6.31
N THR B 94 -4.32 -3.57 -6.48
CA THR B 94 -3.48 -4.55 -7.13
C THR B 94 -4.27 -5.04 -8.34
N TYR B 95 -3.62 -5.00 -9.49
CA TYR B 95 -4.21 -5.37 -10.78
C TYR B 95 -3.79 -6.78 -11.20
N MET B 96 -4.72 -7.70 -11.30
CA MET B 96 -4.37 -9.12 -11.52
C MET B 96 -4.68 -9.66 -12.93
N SER B 97 -5.78 -9.20 -13.53
CA SER B 97 -6.07 -9.47 -14.95
C SER B 97 -6.75 -8.26 -15.61
N PRO B 98 -6.54 -8.09 -16.93
CA PRO B 98 -7.22 -7.00 -17.63
C PRO B 98 -8.70 -7.31 -17.85
N ALA B 99 -9.53 -6.28 -17.75
CA ALA B 99 -10.91 -6.34 -18.24
C ALA B 99 -10.97 -5.75 -19.66
N LYS B 100 -11.15 -6.64 -20.64
CA LYS B 100 -11.18 -6.28 -22.06
C LYS B 100 -12.40 -5.45 -22.43
N LEU B 101 -12.29 -4.64 -23.48
CA LEU B 101 -13.42 -3.86 -23.96
C LEU B 101 -14.55 -4.82 -24.34
N GLY B 102 -15.77 -4.49 -23.94
CA GLY B 102 -16.92 -5.36 -24.20
C GLY B 102 -17.20 -6.39 -23.12
N GLU B 103 -16.37 -6.41 -22.08
CA GLU B 103 -16.60 -7.28 -20.93
C GLU B 103 -17.52 -6.64 -19.90
N ASP B 104 -18.35 -7.47 -19.28
CA ASP B 104 -19.25 -7.11 -18.19
C ASP B 104 -18.52 -7.39 -16.88
N ILE B 105 -18.46 -6.39 -16.01
CA ILE B 105 -17.67 -6.56 -14.78
C ILE B 105 -18.52 -6.21 -13.55
N VAL B 106 -18.10 -6.72 -12.38
CA VAL B 106 -18.82 -6.57 -11.12
C VAL B 106 -17.88 -5.85 -10.15
N ILE B 107 -18.38 -4.81 -9.50
CA ILE B 107 -17.58 -4.13 -8.50
C ILE B 107 -18.30 -4.41 -7.17
N THR B 108 -17.63 -5.12 -6.28
CA THR B 108 -18.19 -5.54 -5.00
C THR B 108 -17.36 -4.90 -3.87
N ALA B 109 -17.94 -3.93 -3.18
CA ALA B 109 -17.31 -3.27 -2.05
C ALA B 109 -17.80 -3.92 -0.76
N HIS B 110 -16.89 -4.12 0.20
CA HIS B 110 -17.21 -4.63 1.54
C HIS B 110 -16.76 -3.68 2.63
N VAL B 111 -17.59 -3.47 3.64
CA VAL B 111 -17.13 -2.67 4.80
C VAL B 111 -16.39 -3.65 5.73
N LEU B 112 -15.12 -3.35 5.98
CA LEU B 112 -14.27 -4.24 6.78
C LEU B 112 -14.39 -3.89 8.29
N LYS B 113 -14.50 -2.60 8.55
CA LYS B 113 -14.69 -2.08 9.89
C LYS B 113 -15.14 -0.63 9.76
N GLN B 114 -16.14 -0.24 10.53
CA GLN B 114 -16.44 1.18 10.78
C GLN B 114 -16.18 1.54 12.22
N GLY B 115 -15.09 2.24 12.47
CA GLY B 115 -14.77 2.70 13.80
C GLY B 115 -15.26 4.12 14.07
N LYS B 116 -14.66 4.74 15.07
CA LYS B 116 -15.05 6.06 15.54
C LYS B 116 -14.71 7.17 14.53
N THR B 117 -13.44 7.23 14.10
CA THR B 117 -12.98 8.18 13.08
C THR B 117 -12.48 7.54 11.77
N LEU B 118 -12.19 6.25 11.79
CA LEU B 118 -11.63 5.56 10.60
C LEU B 118 -12.56 4.46 10.14
N ALA B 119 -12.82 4.43 8.84
CA ALA B 119 -13.59 3.35 8.24
C ALA B 119 -12.74 2.63 7.16
N PHE B 120 -12.93 1.32 7.07
CA PHE B 120 -12.08 0.48 6.23
C PHE B 120 -12.96 -0.28 5.26
N THR B 121 -12.55 -0.29 4.00
CA THR B 121 -13.34 -0.94 2.97
C THR B 121 -12.43 -1.71 2.07
N SER B 122 -12.98 -2.75 1.45
CA SER B 122 -12.31 -3.60 0.47
C SER B 122 -13.16 -3.52 -0.80
N VAL B 123 -12.57 -3.73 -1.98
CA VAL B 123 -13.30 -3.67 -3.26
C VAL B 123 -12.71 -4.69 -4.23
N ASP B 124 -13.52 -5.60 -4.75
CA ASP B 124 -13.06 -6.60 -5.73
C ASP B 124 -13.75 -6.36 -7.06
N LEU B 125 -12.97 -6.20 -8.11
CA LEU B 125 -13.55 -6.15 -9.44
C LEU B 125 -13.37 -7.53 -10.02
N THR B 126 -14.46 -8.08 -10.56
CA THR B 126 -14.48 -9.44 -11.11
C THR B 126 -15.10 -9.46 -12.49
N ASN B 127 -14.76 -10.50 -13.27
CA ASN B 127 -15.46 -10.76 -14.52
C ASN B 127 -16.84 -11.33 -14.20
N LYS B 128 -17.90 -10.74 -14.75
CA LYS B 128 -19.22 -11.26 -14.42
C LYS B 128 -19.40 -12.72 -14.85
N ALA B 129 -19.04 -13.02 -16.09
CA ALA B 129 -19.20 -14.37 -16.66
C ALA B 129 -18.41 -15.47 -15.94
N THR B 130 -17.11 -15.22 -15.68
CA THR B 130 -16.23 -16.22 -15.01
C THR B 130 -15.99 -15.98 -13.50
N GLY B 131 -16.11 -14.73 -13.06
CA GLY B 131 -15.95 -14.42 -11.64
C GLY B 131 -14.48 -14.31 -11.25
N LYS B 132 -13.61 -14.17 -12.26
CA LYS B 132 -12.16 -14.05 -12.08
C LYS B 132 -11.80 -12.66 -11.63
N LEU B 133 -10.92 -12.53 -10.63
CA LEU B 133 -10.49 -11.21 -10.14
C LEU B 133 -9.73 -10.41 -11.16
N ILE B 134 -10.25 -9.24 -11.45
CA ILE B 134 -9.55 -8.23 -12.24
C ILE B 134 -8.57 -7.43 -11.37
N ALA B 135 -9.04 -6.99 -10.22
CA ALA B 135 -8.30 -6.09 -9.34
C ALA B 135 -8.91 -6.08 -7.94
N GLN B 136 -8.11 -5.83 -6.91
CA GLN B 136 -8.62 -5.70 -5.53
C GLN B 136 -8.06 -4.42 -4.94
N GLY B 137 -8.90 -3.61 -4.29
CA GLY B 137 -8.43 -2.43 -3.59
C GLY B 137 -8.81 -2.47 -2.13
N ARG B 138 -8.03 -1.82 -1.26
CA ARG B 138 -8.52 -1.50 0.08
C ARG B 138 -8.48 0.02 0.16
N HIS B 139 -9.34 0.61 1.00
CA HIS B 139 -9.50 2.05 1.06
C HIS B 139 -9.78 2.48 2.50
N THR B 140 -8.91 3.31 3.07
CA THR B 140 -9.17 3.87 4.39
C THR B 140 -9.75 5.27 4.28
N LYS B 141 -10.93 5.47 4.83
CA LYS B 141 -11.48 6.82 4.90
C LYS B 141 -11.54 7.35 6.34
N HIS B 142 -11.38 8.65 6.47
CA HIS B 142 -11.43 9.34 7.73
C HIS B 142 -12.76 10.07 7.89
N LEU B 143 -13.46 9.76 8.97
CA LEU B 143 -14.79 10.29 9.21
C LEU B 143 -14.73 11.45 10.19
N GLY B 144 -15.17 12.63 9.75
CA GLY B 144 -15.32 13.82 10.63
C GLY B 144 -14.12 14.17 11.51
N ARG C 24 18.15 -18.99 14.98
CA ARG C 24 19.33 -18.16 14.55
C ARG C 24 18.95 -16.88 13.79
N ASN C 25 18.38 -17.02 12.60
CA ASN C 25 18.05 -15.89 11.76
C ASN C 25 16.69 -15.27 12.09
N PHE C 26 16.20 -14.32 11.28
CA PHE C 26 14.89 -13.67 11.52
C PHE C 26 13.67 -14.61 11.60
N GLU C 27 13.66 -15.71 10.84
CA GLU C 27 12.59 -16.71 10.94
C GLU C 27 12.41 -17.33 12.36
N ARG C 28 13.29 -17.01 13.30
CA ARG C 28 13.17 -17.58 14.62
C ARG C 28 12.00 -16.95 15.36
N VAL C 29 11.58 -15.78 14.89
CA VAL C 29 10.53 -14.96 15.56
C VAL C 29 9.13 -15.53 15.28
N LEU C 30 9.07 -16.48 14.34
CA LEU C 30 7.84 -17.18 14.05
C LEU C 30 7.72 -18.49 14.82
N GLY C 31 8.76 -18.84 15.57
CA GLY C 31 8.86 -20.16 16.23
C GLY C 31 7.64 -20.70 16.93
N LYS C 32 6.79 -19.80 17.46
CA LYS C 32 5.64 -20.17 18.28
C LYS C 32 4.30 -20.23 17.53
N ILE C 33 4.32 -20.12 16.20
CA ILE C 33 3.09 -20.24 15.40
C ILE C 33 2.78 -21.71 15.13
N THR C 34 1.51 -22.07 15.17
CA THR C 34 1.15 -23.42 14.83
C THR C 34 0.35 -23.39 13.53
N LEU C 35 0.76 -24.22 12.59
CA LEU C 35 0.03 -24.40 11.35
C LEU C 35 -1.14 -25.36 11.54
N VAL C 36 -2.38 -24.85 11.49
CA VAL C 36 -3.58 -25.67 11.72
C VAL C 36 -4.11 -26.34 10.45
N SER C 37 -3.92 -25.69 9.31
CA SER C 37 -4.48 -26.19 8.09
C SER C 37 -3.73 -25.57 6.96
N ALA C 38 -3.47 -26.41 5.96
CA ALA C 38 -2.90 -25.98 4.70
C ALA C 38 -3.63 -26.79 3.63
N ALA C 39 -3.96 -26.10 2.53
CA ALA C 39 -4.74 -26.62 1.41
C ALA C 39 -4.24 -25.86 0.20
N PRO C 40 -4.52 -26.36 -1.05
CA PRO C 40 -3.92 -25.64 -2.18
C PRO C 40 -4.31 -24.16 -2.20
N GLY C 41 -3.31 -23.29 -2.37
CA GLY C 41 -3.49 -21.86 -2.31
C GLY C 41 -4.10 -21.26 -1.04
N LYS C 42 -4.18 -22.04 0.03
CA LYS C 42 -4.74 -21.52 1.29
C LYS C 42 -4.18 -22.19 2.55
N VAL C 43 -3.85 -21.33 3.53
CA VAL C 43 -3.19 -21.72 4.76
C VAL C 43 -3.75 -20.96 5.95
N ILE C 44 -3.98 -21.69 7.04
CA ILE C 44 -4.41 -21.11 8.31
C ILE C 44 -3.45 -21.51 9.43
N CYS C 45 -3.02 -20.49 10.18
CA CYS C 45 -2.11 -20.60 11.30
C CYS C 45 -2.71 -19.89 12.48
N GLU C 46 -2.23 -20.24 13.67
CA GLU C 46 -2.69 -19.60 14.88
C GLU C 46 -1.49 -19.33 15.71
N MET C 47 -1.64 -18.46 16.70
CA MET C 47 -0.53 -18.04 17.50
C MET C 47 -1.11 -17.33 18.68
N LYS C 48 -0.44 -17.44 19.81
CA LYS C 48 -0.85 -16.72 21.00
C LYS C 48 0.06 -15.52 21.08
N VAL C 49 -0.48 -14.33 21.37
CA VAL C 49 0.36 -13.15 21.43
C VAL C 49 1.04 -13.12 22.79
N GLU C 50 2.36 -13.27 22.75
CA GLU C 50 3.19 -13.28 23.96
C GLU C 50 4.06 -12.04 23.92
N GLU C 51 4.77 -11.80 25.01
CA GLU C 51 5.54 -10.55 25.17
C GLU C 51 6.52 -10.27 24.02
N GLU C 52 7.18 -11.32 23.56
CA GLU C 52 8.15 -11.24 22.50
C GLU C 52 7.55 -10.81 21.19
N HIS C 53 6.22 -10.71 21.15
CA HIS C 53 5.49 -10.39 19.91
C HIS C 53 4.95 -8.99 19.94
N THR C 54 5.13 -8.32 21.08
CA THR C 54 4.45 -7.06 21.38
C THR C 54 5.27 -5.81 21.08
N ASN C 55 4.57 -4.70 20.90
CA ASN C 55 5.24 -3.41 20.79
C ASN C 55 5.44 -2.82 22.19
N ALA C 56 5.67 -1.51 22.25
CA ALA C 56 5.93 -0.82 23.53
C ALA C 56 4.67 -0.72 24.38
N ILE C 57 3.53 -0.95 23.72
CA ILE C 57 2.21 -0.70 24.30
C ILE C 57 1.44 -2.01 24.51
N GLY C 58 2.13 -3.14 24.36
CA GLY C 58 1.58 -4.43 24.73
C GLY C 58 0.65 -5.11 23.73
N THR C 59 0.55 -4.54 22.51
CA THR C 59 -0.20 -5.20 21.42
C THR C 59 0.74 -5.77 20.35
N LEU C 60 0.20 -6.65 19.50
CA LEU C 60 0.95 -7.31 18.44
C LEU C 60 1.68 -6.26 17.64
N HIS C 61 3.00 -6.35 17.63
CA HIS C 61 3.80 -5.39 16.92
C HIS C 61 3.43 -5.36 15.43
N GLY C 62 3.33 -4.16 14.85
CA GLY C 62 3.01 -4.00 13.44
C GLY C 62 4.02 -4.70 12.54
N GLY C 63 5.25 -4.84 13.05
CA GLY C 63 6.36 -5.40 12.30
C GLY C 63 6.24 -6.89 12.20
N LEU C 64 5.72 -7.48 13.26
CA LEU C 64 5.45 -8.91 13.29
C LEU C 64 4.22 -9.26 12.48
N THR C 65 3.20 -8.40 12.49
CA THR C 65 2.05 -8.58 11.60
C THR C 65 2.47 -8.67 10.11
N ALA C 66 3.43 -7.84 9.70
CA ALA C 66 3.94 -7.83 8.33
C ALA C 66 4.78 -9.06 8.04
N THR C 67 5.59 -9.47 9.00
CA THR C 67 6.29 -10.77 8.96
C THR C 67 5.28 -11.93 8.76
N LEU C 68 4.19 -11.90 9.55
CA LEU C 68 3.14 -12.94 9.44
C LEU C 68 2.53 -12.94 8.03
N VAL C 69 2.14 -11.76 7.56
CA VAL C 69 1.66 -11.54 6.20
C VAL C 69 2.64 -12.14 5.19
N ASP C 70 3.92 -11.78 5.29
CA ASP C 70 4.94 -12.29 4.40
C ASP C 70 5.08 -13.82 4.46
N ASN C 71 5.35 -14.37 5.65
CA ASN C 71 5.53 -15.82 5.77
C ASN C 71 4.32 -16.73 5.47
N ILE C 72 3.14 -16.41 6.01
CA ILE C 72 1.97 -17.24 5.78
C ILE C 72 1.46 -17.12 4.33
N SER C 73 1.46 -15.91 3.79
CA SER C 73 1.16 -15.78 2.40
C SER C 73 2.10 -16.65 1.56
N THR C 74 3.40 -16.61 1.86
CA THR C 74 4.38 -17.40 1.11
C THR C 74 4.07 -18.91 1.25
N MET C 75 3.70 -19.32 2.47
CA MET C 75 3.20 -20.67 2.73
C MET C 75 2.04 -21.08 1.83
N ALA C 76 1.08 -20.18 1.59
CA ALA C 76 -0.06 -20.49 0.72
C ALA C 76 0.41 -20.71 -0.72
N LEU C 77 1.37 -19.92 -1.16
CA LEU C 77 1.94 -20.08 -2.50
C LEU C 77 2.69 -21.39 -2.63
N LEU C 78 3.48 -21.74 -1.60
CA LEU C 78 4.19 -23.01 -1.55
C LEU C 78 3.23 -24.19 -1.56
N CYS C 79 2.06 -24.02 -0.96
CA CYS C 79 1.02 -25.04 -1.02
C CYS C 79 0.26 -25.08 -2.35
N THR C 80 0.90 -24.69 -3.43
CA THR C 80 0.27 -24.80 -4.75
C THR C 80 1.11 -25.75 -5.63
N GLU C 81 0.52 -26.25 -6.72
CA GLU C 81 1.20 -27.17 -7.62
C GLU C 81 2.64 -26.73 -7.83
N ARG C 82 2.81 -25.60 -8.52
CA ARG C 82 4.08 -24.88 -8.53
C ARG C 82 4.30 -24.34 -7.12
N GLY C 83 5.18 -25.00 -6.37
CA GLY C 83 5.34 -24.63 -4.98
C GLY C 83 6.53 -23.70 -4.91
N ALA C 84 6.43 -22.60 -5.65
CA ALA C 84 7.48 -21.59 -5.70
C ALA C 84 7.15 -20.46 -4.72
N PRO C 85 8.12 -20.09 -3.87
CA PRO C 85 7.85 -19.07 -2.85
C PRO C 85 7.86 -17.61 -3.38
N GLY C 86 8.53 -17.37 -4.50
CA GLY C 86 8.72 -16.01 -5.01
C GLY C 86 9.52 -15.11 -4.07
N VAL C 87 9.83 -13.89 -4.54
CA VAL C 87 10.39 -12.82 -3.71
C VAL C 87 9.39 -11.66 -3.67
N SER C 88 9.32 -10.99 -2.53
CA SER C 88 8.42 -9.85 -2.34
C SER C 88 8.65 -8.73 -3.33
N VAL C 89 7.56 -8.18 -3.86
CA VAL C 89 7.63 -6.95 -4.61
C VAL C 89 6.92 -5.85 -3.81
N ASP C 90 5.62 -6.05 -3.54
CA ASP C 90 4.79 -5.07 -2.90
C ASP C 90 4.04 -5.71 -1.79
N MET C 91 4.07 -5.10 -0.60
CA MET C 91 3.23 -5.49 0.51
C MET C 91 2.51 -4.28 1.14
N ASN C 92 1.21 -4.43 1.42
CA ASN C 92 0.50 -3.43 2.24
C ASN C 92 -0.29 -4.16 3.30
N ILE C 93 -0.53 -3.44 4.38
CA ILE C 93 -1.28 -3.94 5.54
C ILE C 93 -2.16 -2.78 6.02
N THR C 94 -3.43 -3.05 6.34
CA THR C 94 -4.27 -2.06 7.00
C THR C 94 -4.54 -2.64 8.36
N TYR C 95 -4.36 -1.80 9.38
CA TYR C 95 -4.51 -2.20 10.77
C TYR C 95 -5.87 -1.71 11.25
N MET C 96 -6.69 -2.62 11.76
CA MET C 96 -8.07 -2.28 12.07
C MET C 96 -8.42 -2.39 13.53
N SER C 97 -7.80 -3.35 14.22
CA SER C 97 -7.98 -3.54 15.66
C SER C 97 -6.70 -4.17 16.26
N PRO C 98 -6.39 -3.80 17.52
CA PRO C 98 -5.22 -4.34 18.22
C PRO C 98 -5.41 -5.76 18.70
N ALA C 99 -4.34 -6.55 18.72
CA ALA C 99 -4.35 -7.88 19.32
C ALA C 99 -3.48 -7.80 20.55
N LYS C 100 -4.10 -7.92 21.72
CA LYS C 100 -3.43 -7.75 23.02
C LYS C 100 -2.60 -8.97 23.43
N LEU C 101 -1.64 -8.73 24.32
CA LEU C 101 -0.84 -9.81 24.89
C LEU C 101 -1.79 -10.82 25.48
N GLY C 102 -1.58 -12.09 25.12
CA GLY C 102 -2.41 -13.18 25.63
C GLY C 102 -3.60 -13.54 24.75
N GLU C 103 -3.85 -12.76 23.71
CA GLU C 103 -4.92 -13.11 22.77
C GLU C 103 -4.41 -14.15 21.76
N ASP C 104 -5.34 -14.95 21.25
CA ASP C 104 -5.02 -15.94 20.24
C ASP C 104 -5.48 -15.35 18.92
N ILE C 105 -4.56 -15.24 18.00
CA ILE C 105 -4.88 -14.69 16.70
C ILE C 105 -4.94 -15.85 15.69
N VAL C 106 -5.70 -15.66 14.61
CA VAL C 106 -5.76 -16.61 13.49
C VAL C 106 -5.26 -15.86 12.25
N ILE C 107 -4.32 -16.45 11.54
CA ILE C 107 -3.76 -15.88 10.33
C ILE C 107 -4.18 -16.76 9.16
N THR C 108 -4.92 -16.18 8.23
CA THR C 108 -5.36 -16.97 7.11
C THR C 108 -5.02 -16.28 5.82
N ALA C 109 -4.36 -17.04 4.97
CA ALA C 109 -3.74 -16.53 3.76
C ALA C 109 -4.32 -17.26 2.56
N HIS C 110 -4.61 -16.52 1.50
CA HIS C 110 -5.28 -17.03 0.32
C HIS C 110 -4.45 -16.58 -0.86
N VAL C 111 -4.15 -17.49 -1.81
CA VAL C 111 -3.62 -17.05 -3.12
C VAL C 111 -4.79 -16.48 -3.94
N LEU C 112 -4.65 -15.24 -4.40
CA LEU C 112 -5.71 -14.55 -5.14
C LEU C 112 -5.64 -14.91 -6.62
N LYS C 113 -4.45 -14.79 -7.17
CA LYS C 113 -4.12 -15.23 -8.52
C LYS C 113 -2.63 -15.55 -8.52
N GLN C 114 -2.24 -16.48 -9.36
CA GLN C 114 -0.86 -16.87 -9.51
C GLN C 114 -0.65 -16.96 -11.01
N GLY C 115 0.30 -16.17 -11.52
CA GLY C 115 0.66 -16.15 -12.93
C GLY C 115 2.00 -16.83 -13.12
N LYS C 116 2.59 -16.69 -14.31
CA LYS C 116 3.89 -17.31 -14.57
C LYS C 116 5.01 -16.47 -14.00
N THR C 117 4.73 -15.18 -13.82
CA THR C 117 5.68 -14.23 -13.27
C THR C 117 5.26 -13.74 -11.90
N LEU C 118 3.99 -13.35 -11.77
CA LEU C 118 3.51 -12.68 -10.57
C LEU C 118 2.40 -13.45 -9.87
N ALA C 119 2.51 -13.48 -8.54
CA ALA C 119 1.49 -14.05 -7.69
C ALA C 119 0.97 -12.98 -6.74
N PHE C 120 -0.31 -13.08 -6.41
CA PHE C 120 -0.96 -12.11 -5.60
C PHE C 120 -1.65 -12.89 -4.50
N THR C 121 -1.47 -12.45 -3.25
CA THR C 121 -2.01 -13.17 -2.11
C THR C 121 -2.65 -12.19 -1.16
N SER C 122 -3.66 -12.65 -0.43
CA SER C 122 -4.23 -11.85 0.63
C SER C 122 -4.15 -12.64 1.96
N VAL C 123 -4.04 -11.88 3.06
CA VAL C 123 -3.88 -12.41 4.42
C VAL C 123 -4.71 -11.61 5.43
N ASP C 124 -5.52 -12.30 6.23
CA ASP C 124 -6.36 -11.75 7.28
C ASP C 124 -5.81 -12.22 8.61
N LEU C 125 -5.73 -11.29 9.55
CA LEU C 125 -5.45 -11.67 10.90
C LEU C 125 -6.70 -11.35 11.70
N THR C 126 -7.21 -12.37 12.37
CA THR C 126 -8.44 -12.26 13.10
C THR C 126 -8.20 -12.65 14.56
N ASN C 127 -8.96 -12.01 15.43
CA ASN C 127 -8.98 -12.36 16.82
C ASN C 127 -9.79 -13.64 16.96
N LYS C 128 -9.17 -14.70 17.50
CA LYS C 128 -9.80 -16.00 17.50
C LYS C 128 -11.08 -16.01 18.29
N ALA C 129 -11.12 -15.25 19.39
CA ALA C 129 -12.31 -15.22 20.25
C ALA C 129 -13.48 -14.45 19.63
N THR C 130 -13.18 -13.32 18.98
CA THR C 130 -14.25 -12.46 18.47
C THR C 130 -14.56 -12.63 16.98
N GLY C 131 -13.61 -13.20 16.23
CA GLY C 131 -13.75 -13.37 14.79
C GLY C 131 -13.44 -12.08 14.04
N LYS C 132 -13.03 -11.04 14.75
CA LYS C 132 -12.87 -9.73 14.14
C LYS C 132 -11.47 -9.51 13.66
N LEU C 133 -11.41 -8.81 12.53
CA LEU C 133 -10.17 -8.52 11.84
C LEU C 133 -9.26 -7.64 12.69
N ILE C 134 -8.04 -8.12 12.89
CA ILE C 134 -6.92 -7.38 13.46
C ILE C 134 -6.32 -6.46 12.40
N ALA C 135 -6.01 -7.06 11.26
CA ALA C 135 -5.37 -6.41 10.15
C ALA C 135 -5.60 -7.30 8.93
N GLN C 136 -5.50 -6.71 7.74
CA GLN C 136 -5.51 -7.42 6.46
C GLN C 136 -4.37 -6.88 5.60
N GLY C 137 -3.71 -7.80 4.88
CA GLY C 137 -2.62 -7.46 4.00
C GLY C 137 -2.78 -8.07 2.63
N ARG C 138 -2.25 -7.39 1.62
CA ARG C 138 -2.06 -7.98 0.30
C ARG C 138 -0.58 -7.89 0.01
N HIS C 139 -0.08 -8.86 -0.72
CA HIS C 139 1.37 -9.09 -0.85
C HIS C 139 1.54 -9.64 -2.27
N THR C 140 2.13 -8.81 -3.14
CA THR C 140 2.51 -9.23 -4.46
C THR C 140 3.95 -9.76 -4.42
N LYS C 141 4.18 -10.91 -5.07
CA LYS C 141 5.49 -11.55 -5.13
C LYS C 141 5.87 -11.91 -6.57
N HIS C 142 7.17 -11.85 -6.86
CA HIS C 142 7.68 -12.17 -8.17
C HIS C 142 8.27 -13.60 -8.18
N LEU C 143 7.82 -14.41 -9.13
CA LEU C 143 8.15 -15.84 -9.15
C LEU C 143 9.30 -16.25 -10.05
N GLY C 144 10.21 -17.05 -9.49
CA GLY C 144 11.24 -17.78 -10.25
C GLY C 144 12.47 -17.04 -10.77
N THR D 15 26.21 8.73 15.15
CA THR D 15 26.67 9.04 16.48
C THR D 15 26.23 8.22 17.71
N GLU D 16 24.96 8.17 18.07
CA GLU D 16 24.48 7.35 19.19
C GLU D 16 24.29 5.86 18.86
N ASN D 17 25.00 4.96 19.54
CA ASN D 17 24.59 3.59 19.53
C ASN D 17 23.23 3.34 20.17
N LEU D 18 22.40 2.55 19.53
CA LEU D 18 21.16 2.10 20.11
C LEU D 18 21.13 0.61 20.32
N TYR D 19 20.61 0.17 21.44
CA TYR D 19 20.70 -1.26 21.76
C TYR D 19 19.33 -1.94 21.97
N PHE D 20 18.63 -2.19 20.87
CA PHE D 20 17.37 -2.90 20.92
C PHE D 20 17.48 -4.35 21.43
N GLN D 21 18.68 -4.96 21.34
CA GLN D 21 18.89 -6.34 21.85
C GLN D 21 18.62 -6.51 23.34
N SER D 22 18.67 -5.41 24.09
CA SER D 22 18.37 -5.44 25.52
C SER D 22 16.86 -5.45 25.78
N MET D 23 16.07 -5.32 24.72
CA MET D 23 14.62 -5.25 24.89
C MET D 23 14.03 -6.65 24.93
N ARG D 24 12.88 -6.83 25.58
CA ARG D 24 12.30 -8.14 25.60
C ARG D 24 11.12 -8.27 24.67
N ASN D 25 10.57 -7.14 24.20
CA ASN D 25 9.43 -7.23 23.28
C ASN D 25 9.91 -7.31 21.82
N PHE D 26 9.01 -7.18 20.84
CA PHE D 26 9.37 -7.41 19.42
C PHE D 26 10.39 -6.42 18.85
N GLU D 27 10.41 -5.20 19.38
CA GLU D 27 11.40 -4.20 18.96
C GLU D 27 12.82 -4.69 19.14
N ARG D 28 13.02 -5.72 19.94
CA ARG D 28 14.35 -6.30 20.12
C ARG D 28 14.95 -6.86 18.83
N VAL D 29 14.12 -7.12 17.82
CA VAL D 29 14.61 -7.78 16.59
C VAL D 29 15.54 -6.89 15.77
N LEU D 30 15.52 -5.59 16.08
CA LEU D 30 16.34 -4.63 15.32
C LEU D 30 17.82 -4.79 15.60
N GLY D 31 18.13 -5.29 16.80
CA GLY D 31 19.49 -5.44 17.26
C GLY D 31 20.19 -4.09 17.48
N LYS D 32 21.48 -4.09 17.19
CA LYS D 32 22.32 -2.89 17.22
C LYS D 32 22.12 -2.03 15.95
N ILE D 33 21.51 -0.87 16.16
CA ILE D 33 21.41 0.15 15.13
C ILE D 33 22.13 1.42 15.62
N THR D 34 22.71 2.16 14.70
CA THR D 34 23.23 3.46 15.10
C THR D 34 22.32 4.59 14.61
N LEU D 35 22.06 5.54 15.50
CA LEU D 35 21.30 6.71 15.14
C LEU D 35 22.29 7.73 14.65
N VAL D 36 22.22 8.06 13.37
CA VAL D 36 23.15 9.00 12.73
C VAL D 36 22.74 10.45 12.98
N SER D 37 21.48 10.76 12.70
CA SER D 37 20.98 12.11 12.98
C SER D 37 19.50 12.04 13.28
N ALA D 38 19.01 13.03 14.03
CA ALA D 38 17.60 13.17 14.28
C ALA D 38 17.31 14.64 14.29
N ALA D 39 16.53 15.06 13.31
CA ALA D 39 16.09 16.44 13.17
C ALA D 39 14.57 16.42 13.19
N PRO D 40 13.92 17.60 13.35
CA PRO D 40 12.46 17.70 13.22
C PRO D 40 11.91 16.97 11.97
N GLY D 41 11.12 15.91 12.24
CA GLY D 41 10.43 15.18 11.20
C GLY D 41 11.34 14.42 10.26
N LYS D 42 12.59 14.20 10.66
CA LYS D 42 13.55 13.44 9.88
C LYS D 42 14.54 12.66 10.77
N VAL D 43 14.59 11.33 10.60
CA VAL D 43 15.57 10.52 11.31
C VAL D 43 16.39 9.69 10.37
N ILE D 44 17.70 9.61 10.62
CA ILE D 44 18.56 8.70 9.86
C ILE D 44 19.21 7.74 10.85
N CYS D 45 18.99 6.45 10.62
CA CYS D 45 19.72 5.36 11.29
C CYS D 45 20.49 4.50 10.29
N GLU D 46 21.49 3.76 10.80
CA GLU D 46 22.18 2.70 10.04
C GLU D 46 22.16 1.41 10.85
N MET D 47 22.27 0.29 10.16
CA MET D 47 22.48 -1.01 10.77
C MET D 47 23.30 -1.86 9.82
N LYS D 48 24.21 -2.65 10.39
CA LYS D 48 24.87 -3.72 9.65
C LYS D 48 23.92 -4.88 9.71
N VAL D 49 23.73 -5.54 8.57
CA VAL D 49 22.85 -6.70 8.51
C VAL D 49 23.59 -7.89 9.08
N GLU D 50 22.97 -8.55 10.05
CA GLU D 50 23.58 -9.62 10.82
C GLU D 50 22.69 -10.84 10.65
N GLU D 51 23.18 -12.01 11.06
CA GLU D 51 22.43 -13.24 10.84
C GLU D 51 21.00 -13.11 11.31
N GLU D 52 20.83 -12.50 12.50
CA GLU D 52 19.55 -12.36 13.20
C GLU D 52 18.50 -11.56 12.40
N HIS D 53 18.99 -10.78 11.45
CA HIS D 53 18.17 -9.94 10.57
C HIS D 53 17.74 -10.61 9.27
N THR D 54 18.28 -11.79 9.00
CA THR D 54 18.25 -12.33 7.66
C THR D 54 17.20 -13.40 7.51
N ASN D 55 16.90 -13.69 6.24
CA ASN D 55 16.15 -14.87 5.91
C ASN D 55 17.16 -16.01 5.61
N ALA D 56 16.64 -17.18 5.27
CA ALA D 56 17.47 -18.34 4.97
C ALA D 56 18.54 -18.04 3.93
N ILE D 57 18.17 -17.28 2.90
CA ILE D 57 19.06 -16.94 1.78
C ILE D 57 20.14 -15.91 2.17
N GLY D 58 20.08 -15.45 3.42
CA GLY D 58 21.03 -14.46 3.91
C GLY D 58 20.80 -13.05 3.43
N THR D 59 19.56 -12.71 3.07
CA THR D 59 19.23 -11.32 2.75
C THR D 59 18.37 -10.69 3.84
N LEU D 60 18.42 -9.37 3.97
CA LEU D 60 17.56 -8.67 4.92
C LEU D 60 16.17 -9.25 4.73
N HIS D 61 15.55 -9.69 5.81
CA HIS D 61 14.26 -10.32 5.74
C HIS D 61 13.15 -9.26 5.52
N GLY D 62 12.23 -9.55 4.60
CA GLY D 62 11.14 -8.64 4.26
C GLY D 62 10.46 -8.09 5.49
N GLY D 63 10.35 -8.92 6.53
CA GLY D 63 9.73 -8.55 7.81
C GLY D 63 10.58 -7.70 8.73
N LEU D 64 11.90 -7.80 8.62
CA LEU D 64 12.70 -6.85 9.39
C LEU D 64 12.64 -5.46 8.74
N THR D 65 12.69 -5.42 7.41
CA THR D 65 12.43 -4.20 6.64
C THR D 65 11.15 -3.45 7.12
N ALA D 66 10.04 -4.18 7.28
CA ALA D 66 8.79 -3.62 7.73
C ALA D 66 8.91 -3.07 9.14
N THR D 67 9.58 -3.84 10.01
CA THR D 67 9.83 -3.46 11.39
C THR D 67 10.65 -2.19 11.42
N LEU D 68 11.62 -2.08 10.51
CA LEU D 68 12.39 -0.85 10.43
C LEU D 68 11.52 0.32 10.00
N VAL D 69 10.71 0.09 8.95
CA VAL D 69 9.77 1.08 8.47
C VAL D 69 8.89 1.54 9.64
N ASP D 70 8.38 0.58 10.39
CA ASP D 70 7.54 0.89 11.53
C ASP D 70 8.27 1.66 12.68
N ASN D 71 9.42 1.15 13.12
CA ASN D 71 10.20 1.73 14.21
C ASN D 71 10.78 3.09 13.84
N ILE D 72 11.40 3.17 12.67
CA ILE D 72 12.17 4.36 12.31
C ILE D 72 11.25 5.54 12.01
N SER D 73 10.10 5.26 11.39
CA SER D 73 9.09 6.29 11.20
C SER D 73 8.52 6.79 12.51
N THR D 74 8.27 5.87 13.43
CA THR D 74 7.80 6.24 14.77
C THR D 74 8.81 7.19 15.40
N MET D 75 10.09 6.85 15.36
CA MET D 75 11.17 7.72 15.84
C MET D 75 11.09 9.13 15.28
N ALA D 76 10.86 9.25 13.96
CA ALA D 76 10.73 10.53 13.32
C ALA D 76 9.57 11.35 13.89
N LEU D 77 8.47 10.67 14.23
CA LEU D 77 7.30 11.32 14.86
C LEU D 77 7.53 11.69 16.33
N LEU D 78 8.37 10.91 17.00
CA LEU D 78 8.83 11.25 18.35
C LEU D 78 9.64 12.54 18.34
N CYS D 79 10.32 12.80 17.22
CA CYS D 79 11.15 13.99 17.03
C CYS D 79 10.37 15.19 16.50
N THR D 80 9.06 15.16 16.68
CA THR D 80 8.18 16.25 16.29
C THR D 80 7.86 17.12 17.51
N GLU D 81 7.37 18.34 17.27
CA GLU D 81 6.91 19.25 18.33
C GLU D 81 5.77 18.64 19.17
N ARG D 82 4.92 17.86 18.50
CA ARG D 82 3.99 16.95 19.17
C ARG D 82 4.80 15.70 19.45
N GLY D 83 4.66 15.13 20.64
CA GLY D 83 5.52 13.99 20.99
C GLY D 83 5.05 12.61 20.52
N ALA D 84 3.85 12.55 19.94
CA ALA D 84 3.06 11.32 19.89
C ALA D 84 3.44 10.35 18.76
N PRO D 85 3.76 9.07 19.14
CA PRO D 85 4.10 7.94 18.27
C PRO D 85 2.97 7.46 17.35
N GLY D 86 1.72 7.58 17.81
CA GLY D 86 0.54 7.11 17.08
C GLY D 86 0.43 5.59 17.00
N VAL D 87 -0.74 5.11 16.59
CA VAL D 87 -0.89 3.70 16.22
C VAL D 87 -1.03 3.59 14.70
N SER D 88 -0.43 2.55 14.12
CA SER D 88 -0.51 2.29 12.68
C SER D 88 -1.93 2.13 12.19
N VAL D 89 -2.16 2.58 10.95
CA VAL D 89 -3.45 2.44 10.27
C VAL D 89 -3.17 1.70 8.96
N ASP D 90 -2.22 2.21 8.19
CA ASP D 90 -1.87 1.68 6.90
C ASP D 90 -0.38 1.81 6.73
N MET D 91 0.26 0.69 6.42
CA MET D 91 1.63 0.64 6.01
C MET D 91 1.69 -0.03 4.62
N ASN D 92 2.58 0.47 3.77
CA ASN D 92 2.93 -0.23 2.56
C ASN D 92 4.45 -0.19 2.41
N ILE D 93 4.99 -1.16 1.66
CA ILE D 93 6.43 -1.30 1.41
C ILE D 93 6.58 -1.83 0.00
N THR D 94 7.51 -1.26 -0.76
CA THR D 94 7.91 -1.76 -2.07
C THR D 94 9.37 -2.17 -1.90
N TYR D 95 9.67 -3.39 -2.36
CA TYR D 95 11.00 -3.95 -2.31
C TYR D 95 11.64 -3.92 -3.68
N MET D 96 12.86 -3.39 -3.75
CA MET D 96 13.47 -3.06 -5.02
C MET D 96 14.80 -3.75 -5.32
N SER D 97 15.64 -3.93 -4.30
CA SER D 97 16.91 -4.64 -4.40
C SER D 97 17.23 -5.27 -3.05
N PRO D 98 17.94 -6.42 -3.04
CA PRO D 98 18.24 -7.04 -1.75
C PRO D 98 19.44 -6.44 -0.98
N ALA D 99 19.39 -6.52 0.35
CA ALA D 99 20.53 -6.21 1.20
C ALA D 99 21.04 -7.53 1.73
N LYS D 100 22.36 -7.68 1.77
CA LYS D 100 23.01 -8.94 2.09
C LYS D 100 23.69 -8.94 3.42
N LEU D 101 23.74 -10.11 4.06
CA LEU D 101 24.44 -10.27 5.33
C LEU D 101 25.80 -9.60 5.26
N GLY D 102 26.10 -8.76 6.25
CA GLY D 102 27.38 -8.07 6.26
C GLY D 102 27.33 -6.64 5.74
N GLU D 103 26.25 -6.28 5.05
CA GLU D 103 26.12 -4.95 4.47
C GLU D 103 25.61 -3.91 5.46
N ASP D 104 25.97 -2.65 5.25
CA ASP D 104 25.36 -1.56 6.00
C ASP D 104 24.21 -1.00 5.17
N ILE D 105 23.07 -0.84 5.85
CA ILE D 105 21.94 -0.17 5.30
C ILE D 105 21.71 1.12 6.08
N VAL D 106 21.13 2.09 5.40
CA VAL D 106 20.73 3.30 6.05
C VAL D 106 19.22 3.47 5.92
N ILE D 107 18.60 3.82 7.03
CA ILE D 107 17.18 3.94 7.10
C ILE D 107 16.84 5.42 7.27
N THR D 108 16.18 5.98 6.26
CA THR D 108 15.83 7.40 6.26
C THR D 108 14.33 7.59 6.29
N ALA D 109 13.86 8.18 7.40
CA ALA D 109 12.45 8.41 7.62
C ALA D 109 12.12 9.89 7.64
N HIS D 110 11.07 10.24 6.91
CA HIS D 110 10.54 11.59 6.83
C HIS D 110 9.07 11.64 7.24
N VAL D 111 8.71 12.63 8.05
CA VAL D 111 7.30 12.91 8.29
C VAL D 111 6.84 13.81 7.16
N LEU D 112 5.96 13.27 6.32
CA LEU D 112 5.46 13.99 5.15
C LEU D 112 4.43 15.04 5.57
N LYS D 113 3.62 14.70 6.56
CA LYS D 113 2.59 15.61 7.03
C LYS D 113 2.14 15.12 8.37
N GLN D 114 1.83 16.05 9.23
CA GLN D 114 1.29 15.73 10.52
C GLN D 114 0.12 16.65 10.78
N GLY D 115 -1.07 16.06 10.79
CA GLY D 115 -2.29 16.80 11.11
C GLY D 115 -2.58 16.61 12.58
N LYS D 116 -3.83 16.84 12.98
CA LYS D 116 -4.16 16.68 14.39
C LYS D 116 -4.61 15.25 14.72
N THR D 117 -5.12 14.55 13.71
CA THR D 117 -5.57 13.17 13.90
C THR D 117 -4.60 12.19 13.25
N LEU D 118 -3.95 12.59 12.17
CA LEU D 118 -3.17 11.67 11.32
C LEU D 118 -1.78 12.18 11.07
N ALA D 119 -0.83 11.25 10.98
CA ALA D 119 0.52 11.55 10.59
C ALA D 119 0.92 10.60 9.46
N PHE D 120 1.66 11.12 8.49
CA PHE D 120 2.06 10.35 7.32
C PHE D 120 3.57 10.41 7.24
N THR D 121 4.18 9.26 7.03
CA THR D 121 5.63 9.13 7.03
C THR D 121 6.04 8.32 5.85
N SER D 122 7.28 8.50 5.43
CA SER D 122 7.91 7.75 4.36
C SER D 122 9.27 7.26 4.90
N VAL D 123 9.74 6.13 4.40
CA VAL D 123 10.99 5.53 4.85
C VAL D 123 11.72 4.93 3.66
N ASP D 124 12.96 5.33 3.44
CA ASP D 124 13.81 4.64 2.47
C ASP D 124 14.85 3.89 3.24
N LEU D 125 15.08 2.66 2.80
CA LEU D 125 16.25 1.92 3.17
C LEU D 125 17.16 1.91 1.98
N THR D 126 18.38 2.38 2.19
CA THR D 126 19.34 2.37 1.09
C THR D 126 20.59 1.56 1.48
N ASN D 127 21.16 0.89 0.50
CA ASN D 127 22.46 0.27 0.63
C ASN D 127 23.51 1.37 0.81
N LYS D 128 24.22 1.37 1.96
CA LYS D 128 25.13 2.47 2.26
C LYS D 128 26.29 2.55 1.27
N ALA D 129 26.74 1.41 0.77
CA ALA D 129 27.87 1.32 -0.15
C ALA D 129 27.55 1.89 -1.52
N THR D 130 26.42 1.45 -2.09
CA THR D 130 25.99 1.87 -3.43
C THR D 130 24.96 3.02 -3.46
N GLY D 131 24.34 3.35 -2.34
CA GLY D 131 23.39 4.46 -2.30
C GLY D 131 22.06 4.10 -2.98
N LYS D 132 21.93 2.82 -3.31
CA LYS D 132 20.76 2.32 -3.99
C LYS D 132 19.70 1.81 -3.03
N LEU D 133 18.47 2.22 -3.30
CA LEU D 133 17.30 1.91 -2.50
C LEU D 133 17.06 0.42 -2.49
N ILE D 134 16.88 -0.09 -1.28
CA ILE D 134 16.50 -1.45 -1.03
C ILE D 134 14.96 -1.54 -1.02
N ALA D 135 14.32 -0.56 -0.41
CA ALA D 135 12.89 -0.57 -0.16
C ALA D 135 12.48 0.81 0.21
N GLN D 136 11.20 1.10 -0.04
CA GLN D 136 10.60 2.34 0.42
C GLN D 136 9.24 2.01 1.04
N GLY D 137 8.99 2.51 2.23
CA GLY D 137 7.75 2.27 2.92
C GLY D 137 7.03 3.57 3.17
N ARG D 138 5.69 3.53 3.11
CA ARG D 138 4.88 4.66 3.58
C ARG D 138 4.02 4.15 4.71
N HIS D 139 3.79 5.01 5.70
CA HIS D 139 3.23 4.57 6.95
C HIS D 139 2.32 5.64 7.54
N THR D 140 1.02 5.39 7.49
CA THR D 140 0.02 6.27 8.06
C THR D 140 -0.31 5.81 9.48
N LYS D 141 -0.26 6.75 10.42
CA LYS D 141 -0.55 6.51 11.84
C LYS D 141 -1.63 7.45 12.36
N HIS D 142 -2.46 6.93 13.26
CA HIS D 142 -3.48 7.68 13.91
C HIS D 142 -2.98 8.16 15.29
N LEU D 143 -3.02 9.48 15.51
CA LEU D 143 -2.56 10.08 16.76
C LEU D 143 -3.68 10.25 17.78
N GLY D 144 -3.29 10.19 19.06
CA GLY D 144 -4.25 10.19 20.16
C GLY D 144 -5.09 8.91 20.12
#